data_3BGH
#
_entry.id   3BGH
#
_cell.length_a   77.508
_cell.length_b   77.508
_cell.length_c   177.509
_cell.angle_alpha   90.000
_cell.angle_beta   90.000
_cell.angle_gamma   90.000
#
_symmetry.space_group_name_H-M   'P 41 21 2'
#
loop_
_entity.id
_entity.type
_entity.pdbx_description
1 polymer 'Putative neuraminyllactose-binding hemagglutinin homolog'
2 non-polymer 'SULFATE ION'
3 water water
#
_entity_poly.entity_id   1
_entity_poly.type   'polypeptide(L)'
_entity_poly.pdbx_seq_one_letter_code
;MSLDGMPAKQQHNNTGESVELHFHYPIKGKQEPKNSHLVVLIEPKIEINKVIPESYQKEFEKSLFLQLSSFLERKGYSVS
QFKDASEIPQDIKEKALLVLRMDGNVAILEDIVEESDALSEEKVIDMSSGYLNLNFVEPKSEDIIHSFGIDVSKIKAVIE
RVELRRTNSGGFVPKTFVHRIKETDHDQAIRKIMNQAYHKVMVHITKELSKKHMEHYEKVSSEMKKRKEGHHHHHH
;
_entity_poly.pdbx_strand_id   A,B
#
loop_
_chem_comp.id
_chem_comp.type
_chem_comp.name
_chem_comp.formula
SO4 non-polymer 'SULFATE ION' 'O4 S -2'
#
# COMPACT_ATOMS: atom_id res chain seq x y z
N VAL A 19 -15.21 -16.03 11.62
CA VAL A 19 -14.82 -15.98 10.18
C VAL A 19 -13.55 -16.79 10.01
N GLU A 20 -13.51 -17.68 9.03
CA GLU A 20 -12.29 -18.44 8.76
C GLU A 20 -11.67 -17.96 7.45
N LEU A 21 -10.37 -18.20 7.26
CA LEU A 21 -9.73 -17.76 6.05
C LEU A 21 -10.48 -18.36 4.87
N HIS A 22 -10.60 -17.64 3.77
CA HIS A 22 -11.25 -18.22 2.61
C HIS A 22 -10.64 -17.80 1.30
N PHE A 23 -9.43 -18.30 1.05
CA PHE A 23 -8.71 -17.96 -0.17
C PHE A 23 -9.14 -18.92 -1.30
N HIS A 24 -10.41 -18.82 -1.71
CA HIS A 24 -10.97 -19.64 -2.81
C HIS A 24 -12.09 -18.87 -3.53
N TYR A 25 -11.98 -18.77 -4.85
CA TYR A 25 -12.99 -18.08 -5.64
C TYR A 25 -13.49 -19.16 -6.59
N PRO A 26 -14.83 -19.40 -6.65
CA PRO A 26 -15.29 -20.50 -7.52
C PRO A 26 -15.10 -20.21 -9.01
N ILE A 27 -14.18 -20.93 -9.65
CA ILE A 27 -14.01 -20.85 -11.10
C ILE A 27 -15.19 -21.56 -11.78
N LYS A 28 -16.23 -20.79 -12.09
CA LYS A 28 -17.41 -21.34 -12.74
C LYS A 28 -17.28 -21.13 -14.25
N GLY A 29 -17.49 -22.21 -15.01
CA GLY A 29 -17.38 -22.17 -16.47
C GLY A 29 -17.01 -23.52 -17.08
N LYS A 30 -17.55 -23.77 -18.27
CA LYS A 30 -17.28 -25.00 -19.04
C LYS A 30 -15.80 -25.12 -19.42
N GLN A 31 -15.22 -26.31 -19.23
CA GLN A 31 -13.87 -26.61 -19.75
C GLN A 31 -13.85 -26.32 -21.25
N GLU A 32 -12.74 -25.77 -21.75
CA GLU A 32 -12.65 -25.30 -23.12
C GLU A 32 -11.69 -26.19 -23.91
N PRO A 33 -11.98 -26.45 -25.19
CA PRO A 33 -11.05 -27.23 -26.00
C PRO A 33 -9.61 -26.72 -25.86
N LYS A 34 -8.68 -27.63 -25.59
CA LYS A 34 -7.25 -27.29 -25.40
C LYS A 34 -6.70 -26.44 -26.54
N ASN A 35 -6.48 -25.14 -26.29
CA ASN A 35 -6.21 -24.16 -27.36
C ASN A 35 -4.76 -24.09 -27.82
N SER A 36 -3.91 -24.86 -27.15
CA SER A 36 -2.55 -25.14 -27.62
C SER A 36 -1.47 -24.17 -27.15
N HIS A 37 -1.86 -23.04 -26.57
CA HIS A 37 -0.89 -22.09 -26.01
C HIS A 37 -0.39 -22.51 -24.62
N LEU A 38 0.91 -22.37 -24.37
CA LEU A 38 1.50 -22.63 -23.03
C LEU A 38 1.85 -21.30 -22.29
N VAL A 39 1.38 -21.14 -21.04
CA VAL A 39 1.78 -19.98 -20.21
C VAL A 39 2.60 -20.39 -18.98
N VAL A 40 3.68 -19.67 -18.73
CA VAL A 40 4.48 -19.89 -17.54
C VAL A 40 3.92 -19.05 -16.38
N LEU A 41 3.66 -19.71 -15.26
CA LEU A 41 3.14 -19.02 -14.08
C LEU A 41 4.18 -19.08 -12.98
N ILE A 42 4.62 -17.92 -12.51
CA ILE A 42 5.61 -17.80 -11.44
C ILE A 42 4.90 -17.61 -10.10
N GLU A 43 5.46 -18.13 -9.01
CA GLU A 43 4.81 -18.07 -7.70
C GLU A 43 4.72 -16.60 -7.31
N PRO A 44 3.52 -16.10 -6.92
CA PRO A 44 3.32 -14.69 -6.65
C PRO A 44 4.13 -14.26 -5.43
N LYS A 45 4.76 -13.10 -5.52
CA LYS A 45 5.47 -12.47 -4.40
C LYS A 45 4.63 -11.34 -3.80
N ILE A 46 3.96 -11.61 -2.67
CA ILE A 46 3.12 -10.62 -2.01
C ILE A 46 3.65 -10.35 -0.59
N GLU A 47 4.26 -9.20 -0.40
CA GLU A 47 4.74 -8.76 0.91
C GLU A 47 3.57 -8.36 1.82
N ILE A 48 3.78 -8.37 3.13
CA ILE A 48 2.71 -8.11 4.09
C ILE A 48 3.31 -7.21 5.15
N ASN A 49 2.50 -6.50 5.92
CA ASN A 49 3.02 -5.72 7.04
C ASN A 49 2.93 -6.52 8.36
N LYS A 50 3.40 -5.94 9.46
CA LYS A 50 3.69 -6.71 10.70
C LYS A 50 2.48 -7.34 11.41
N VAL A 51 1.32 -6.81 11.10
CA VAL A 51 0.04 -7.16 11.71
C VAL A 51 -0.49 -8.50 11.20
N ILE A 52 -0.03 -8.90 10.00
CA ILE A 52 -0.50 -10.10 9.28
C ILE A 52 0.43 -11.35 9.48
N PRO A 53 -0.10 -12.46 9.98
CA PRO A 53 0.73 -13.68 10.15
C PRO A 53 1.34 -14.16 8.83
N GLU A 54 2.60 -14.54 8.86
CA GLU A 54 3.30 -15.11 7.70
C GLU A 54 2.56 -16.24 7.03
N SER A 55 1.82 -17.03 7.80
CA SER A 55 1.08 -18.13 7.19
C SER A 55 -0.03 -17.64 6.27
N TYR A 56 -0.61 -16.47 6.58
CA TYR A 56 -1.69 -15.89 5.75
C TYR A 56 -1.12 -15.49 4.41
N GLN A 57 0.05 -14.88 4.45
CA GLN A 57 0.75 -14.48 3.25
C GLN A 57 0.95 -15.73 2.38
N LYS A 58 1.59 -16.78 2.95
CA LYS A 58 1.87 -18.03 2.25
C LYS A 58 0.61 -18.65 1.63
N GLU A 59 -0.46 -18.69 2.40
CA GLU A 59 -1.68 -19.33 1.96
C GLU A 59 -2.42 -18.46 0.91
N PHE A 60 -2.34 -17.14 1.08
CA PHE A 60 -2.75 -16.18 0.05
C PHE A 60 -1.93 -16.33 -1.25
N GLU A 61 -0.61 -16.45 -1.15
CA GLU A 61 0.22 -16.68 -2.36
C GLU A 61 -0.01 -18.06 -2.99
N LYS A 62 -0.23 -19.09 -2.17
CA LYS A 62 -0.40 -20.46 -2.66
C LYS A 62 -1.73 -20.60 -3.34
N SER A 63 -2.79 -20.06 -2.76
CA SER A 63 -4.10 -20.17 -3.37
C SER A 63 -4.21 -19.51 -4.74
N LEU A 64 -3.59 -18.35 -4.92
CA LEU A 64 -3.67 -17.57 -6.17
C LEU A 64 -2.99 -18.35 -7.27
N PHE A 65 -1.90 -18.98 -6.88
CA PHE A 65 -1.04 -19.72 -7.77
C PHE A 65 -1.80 -20.95 -8.32
N LEU A 66 -2.47 -21.68 -7.45
CA LEU A 66 -3.08 -22.94 -7.87
C LEU A 66 -4.33 -22.61 -8.65
N GLN A 67 -5.12 -21.70 -8.12
CA GLN A 67 -6.32 -21.24 -8.77
C GLN A 67 -6.10 -20.63 -10.14
N LEU A 68 -5.04 -19.86 -10.32
CA LEU A 68 -4.75 -19.30 -11.60
C LEU A 68 -4.32 -20.39 -12.58
N SER A 69 -3.64 -21.41 -12.08
CA SER A 69 -3.38 -22.58 -12.92
C SER A 69 -4.71 -23.25 -13.31
N SER A 70 -5.62 -23.46 -12.35
CA SER A 70 -6.92 -24.10 -12.63
C SER A 70 -7.78 -23.32 -13.59
N PHE A 71 -7.81 -22.01 -13.39
CA PHE A 71 -8.49 -21.11 -14.30
C PHE A 71 -7.92 -21.24 -15.71
N LEU A 72 -6.60 -21.23 -15.83
CA LEU A 72 -5.96 -21.29 -17.14
C LEU A 72 -6.24 -22.62 -17.86
N GLU A 73 -5.94 -23.72 -17.20
CA GLU A 73 -6.26 -25.05 -17.69
C GLU A 73 -7.71 -25.13 -18.11
N ARG A 74 -8.64 -24.81 -17.21
CA ARG A 74 -10.05 -24.78 -17.56
C ARG A 74 -10.34 -23.91 -18.80
N LYS A 75 -9.32 -23.23 -19.30
CA LYS A 75 -9.54 -22.27 -20.37
C LYS A 75 -8.73 -22.69 -21.58
N GLY A 76 -8.03 -23.81 -21.42
CA GLY A 76 -7.51 -24.56 -22.54
C GLY A 76 -6.00 -24.61 -22.62
N TYR A 77 -5.35 -23.80 -21.79
CA TYR A 77 -3.90 -23.62 -21.85
C TYR A 77 -3.13 -24.75 -21.18
N SER A 78 -1.87 -24.89 -21.57
CA SER A 78 -0.95 -25.69 -20.77
C SER A 78 -0.34 -24.70 -19.79
N VAL A 79 -0.07 -25.15 -18.58
CA VAL A 79 0.45 -24.28 -17.55
C VAL A 79 1.69 -24.91 -16.91
N SER A 80 2.81 -24.19 -16.94
CA SER A 80 4.03 -24.60 -16.27
C SER A 80 4.33 -23.66 -15.11
N GLN A 81 4.60 -24.26 -13.96
CA GLN A 81 4.73 -23.59 -12.69
C GLN A 81 6.19 -23.58 -12.25
N PHE A 82 6.67 -22.44 -11.77
CA PHE A 82 8.02 -22.33 -11.23
C PHE A 82 7.97 -21.37 -10.05
N LYS A 83 9.00 -21.35 -9.22
CA LYS A 83 9.01 -20.42 -8.09
C LYS A 83 9.77 -19.11 -8.34
N ASP A 84 10.67 -19.11 -9.33
CA ASP A 84 11.42 -17.91 -9.73
C ASP A 84 11.62 -18.01 -11.24
N ALA A 85 11.83 -16.88 -11.91
CA ALA A 85 12.00 -16.86 -13.38
C ALA A 85 13.29 -17.54 -13.84
N SER A 86 14.26 -17.55 -12.95
CA SER A 86 15.55 -18.18 -13.20
C SER A 86 15.46 -19.71 -13.29
N GLU A 87 14.41 -20.28 -12.71
CA GLU A 87 14.18 -21.74 -12.80
C GLU A 87 13.52 -22.17 -14.11
N ILE A 88 13.28 -21.22 -15.02
CA ILE A 88 12.64 -21.58 -16.28
C ILE A 88 13.68 -22.10 -17.27
N PRO A 89 13.58 -23.38 -17.66
CA PRO A 89 14.47 -23.97 -18.66
C PRO A 89 14.20 -23.44 -20.08
N GLN A 90 15.27 -23.39 -20.87
CA GLN A 90 15.22 -22.91 -22.26
C GLN A 90 14.15 -23.58 -23.09
N ASP A 91 14.06 -24.90 -22.98
CA ASP A 91 13.01 -25.64 -23.68
C ASP A 91 11.65 -24.95 -23.52
N ILE A 92 11.38 -24.52 -22.29
CA ILE A 92 10.15 -23.83 -21.96
C ILE A 92 10.13 -22.43 -22.54
N LYS A 93 11.14 -21.61 -22.23
CA LYS A 93 11.24 -20.26 -22.81
C LYS A 93 10.92 -20.27 -24.32
N GLU A 94 11.48 -21.24 -25.06
CA GLU A 94 11.31 -21.29 -26.52
C GLU A 94 9.87 -21.53 -26.96
N LYS A 95 9.11 -22.22 -26.12
CA LYS A 95 7.76 -22.67 -26.48
C LYS A 95 6.60 -21.81 -25.92
N ALA A 96 6.81 -21.17 -24.77
CA ALA A 96 5.74 -20.48 -24.04
C ALA A 96 5.20 -19.28 -24.79
N LEU A 97 3.91 -19.01 -24.65
CA LEU A 97 3.35 -17.76 -25.15
C LEU A 97 3.73 -16.58 -24.26
N LEU A 98 3.71 -16.80 -22.95
CA LEU A 98 3.60 -15.74 -21.98
C LEU A 98 4.19 -16.24 -20.68
N VAL A 99 4.81 -15.34 -19.93
CA VAL A 99 5.16 -15.58 -18.54
C VAL A 99 4.38 -14.58 -17.71
N LEU A 100 3.57 -15.07 -16.78
CA LEU A 100 2.83 -14.26 -15.86
C LEU A 100 3.55 -14.28 -14.52
N ARG A 101 3.57 -13.12 -13.88
CA ARG A 101 4.51 -12.82 -12.80
C ARG A 101 3.93 -11.68 -11.94
N MET A 102 3.42 -12.05 -10.76
CA MET A 102 2.68 -11.19 -9.87
C MET A 102 3.51 -10.73 -8.66
N ASP A 103 3.61 -9.41 -8.47
CA ASP A 103 4.27 -8.83 -7.33
C ASP A 103 3.42 -7.73 -6.68
N GLY A 104 3.61 -7.52 -5.38
CA GLY A 104 2.88 -6.51 -4.65
C GLY A 104 2.94 -6.62 -3.14
N ASN A 105 1.93 -6.04 -2.48
CA ASN A 105 1.86 -6.06 -1.03
C ASN A 105 0.51 -5.74 -0.57
N VAL A 106 0.23 -6.19 0.64
CA VAL A 106 -0.99 -5.83 1.33
C VAL A 106 -0.65 -5.56 2.77
N ALA A 107 -1.18 -4.47 3.31
CA ALA A 107 -0.91 -4.08 4.67
C ALA A 107 -2.23 -3.76 5.33
N ILE A 108 -2.31 -4.04 6.62
CA ILE A 108 -3.48 -3.69 7.38
C ILE A 108 -3.13 -2.63 8.47
N LEU A 109 -3.88 -1.54 8.44
CA LEU A 109 -3.79 -0.48 9.44
C LEU A 109 -4.88 -0.70 10.46
N GLU A 110 -4.53 -0.49 11.71
CA GLU A 110 -5.42 -0.79 12.83
C GLU A 110 -5.87 0.48 13.48
N ASP A 111 -7.08 0.44 14.03
CA ASP A 111 -7.56 1.46 14.98
C ASP A 111 -7.73 2.84 14.32
N ILE A 112 -8.55 2.86 13.28
CA ILE A 112 -8.97 4.10 12.65
C ILE A 112 -10.42 4.31 13.10
N VAL A 113 -10.72 5.55 13.48
CA VAL A 113 -12.05 5.97 13.94
C VAL A 113 -12.84 6.70 12.84
N GLU A 114 -14.13 6.42 12.77
CA GLU A 114 -15.01 7.10 11.86
C GLU A 114 -16.08 7.75 12.73
N GLU A 115 -15.93 9.07 12.94
CA GLU A 115 -16.89 9.82 13.74
C GLU A 115 -18.33 9.55 13.33
N SER A 116 -19.24 9.61 14.29
CA SER A 116 -20.66 9.42 14.02
C SER A 116 -21.26 10.60 13.27
N ASP A 117 -22.41 10.36 12.65
CA ASP A 117 -23.15 11.44 12.02
C ASP A 117 -24.63 11.07 12.09
N ALA A 118 -25.49 11.83 11.44
CA ALA A 118 -26.93 11.58 11.50
C ALA A 118 -27.39 10.15 11.33
N LEU A 119 -26.66 9.33 10.59
CA LEU A 119 -27.12 7.97 10.22
C LEU A 119 -26.32 6.84 10.88
N SER A 120 -25.03 7.09 11.11
CA SER A 120 -24.11 6.03 11.52
C SER A 120 -23.55 6.30 12.90
N GLU A 121 -23.39 5.22 13.66
CA GLU A 121 -22.71 5.30 14.96
C GLU A 121 -21.23 5.54 14.71
N GLU A 122 -20.54 6.10 15.70
CA GLU A 122 -19.11 6.14 15.68
C GLU A 122 -18.60 4.71 15.62
N LYS A 123 -17.57 4.48 14.82
CA LYS A 123 -16.99 3.17 14.78
C LYS A 123 -15.49 3.21 14.66
N VAL A 124 -14.83 2.18 15.19
CA VAL A 124 -13.39 2.00 15.00
C VAL A 124 -13.26 0.86 14.00
N ILE A 125 -12.29 0.97 13.09
CA ILE A 125 -12.13 -0.02 12.01
C ILE A 125 -10.66 -0.37 11.84
N ASP A 126 -10.41 -1.49 11.15
CA ASP A 126 -9.14 -1.75 10.53
C ASP A 126 -9.32 -1.57 9.02
N MET A 127 -8.25 -1.22 8.31
CA MET A 127 -8.35 -0.90 6.90
C MET A 127 -7.06 -1.27 6.18
N SER A 128 -7.19 -1.82 4.98
CA SER A 128 -6.04 -2.19 4.21
C SER A 128 -5.46 -1.08 3.32
N SER A 129 -4.23 -1.32 2.91
CA SER A 129 -3.61 -0.60 1.80
C SER A 129 -2.86 -1.67 1.01
N GLY A 130 -2.29 -1.28 -0.11
CA GLY A 130 -1.51 -2.17 -0.94
C GLY A 130 -2.04 -2.23 -2.35
N TYR A 131 -1.45 -3.08 -3.15
CA TYR A 131 -1.61 -3.00 -4.56
C TYR A 131 -0.88 -4.22 -5.17
N LEU A 132 -1.56 -4.92 -6.08
CA LEU A 132 -0.97 -6.04 -6.78
C LEU A 132 -0.75 -5.74 -8.24
N ASN A 133 0.41 -6.14 -8.71
CA ASN A 133 0.73 -5.99 -10.09
C ASN A 133 1.00 -7.30 -10.80
N LEU A 134 0.16 -7.60 -11.78
CA LEU A 134 0.41 -8.72 -12.69
C LEU A 134 1.24 -8.29 -13.92
N ASN A 135 2.48 -8.81 -14.05
CA ASN A 135 3.30 -8.53 -15.25
C ASN A 135 3.18 -9.58 -16.36
N PHE A 136 3.02 -9.11 -17.60
CA PHE A 136 2.98 -9.97 -18.76
C PHE A 136 4.33 -9.89 -19.44
N VAL A 137 5.04 -11.00 -19.49
CA VAL A 137 6.42 -11.03 -19.93
C VAL A 137 6.65 -11.95 -21.13
N GLU A 138 7.35 -11.41 -22.12
CA GLU A 138 7.82 -12.17 -23.28
C GLU A 138 9.01 -13.06 -22.86
N PRO A 139 8.81 -14.39 -22.93
CA PRO A 139 9.68 -15.41 -22.30
C PRO A 139 11.16 -15.42 -22.70
N LYS A 140 11.44 -15.19 -23.97
CA LYS A 140 12.84 -15.26 -24.40
C LYS A 140 13.60 -14.01 -23.99
N SER A 141 13.07 -12.85 -24.33
CA SER A 141 13.76 -11.58 -24.04
C SER A 141 13.61 -11.15 -22.58
N GLU A 142 12.64 -11.72 -21.88
CA GLU A 142 12.29 -11.27 -20.51
C GLU A 142 11.68 -9.84 -20.46
N ASP A 143 11.30 -9.31 -21.61
CA ASP A 143 10.70 -7.99 -21.70
C ASP A 143 9.30 -7.95 -21.09
N ILE A 144 9.03 -6.94 -20.29
CA ILE A 144 7.69 -6.77 -19.77
C ILE A 144 6.91 -6.11 -20.89
N ILE A 145 5.77 -6.71 -21.27
CA ILE A 145 4.94 -6.19 -22.35
C ILE A 145 3.71 -5.43 -21.80
N HIS A 146 3.23 -5.83 -20.64
CA HIS A 146 2.01 -5.26 -20.16
C HIS A 146 1.91 -5.45 -18.66
N SER A 147 1.39 -4.45 -17.95
CA SER A 147 1.22 -4.52 -16.51
C SER A 147 -0.23 -4.28 -16.19
N PHE A 148 -0.82 -5.14 -15.36
CA PHE A 148 -2.22 -4.98 -14.98
C PHE A 148 -2.25 -4.95 -13.45
N GLY A 149 -2.85 -3.90 -12.91
CA GLY A 149 -2.87 -3.68 -11.47
C GLY A 149 -4.21 -3.95 -10.81
N ILE A 150 -4.17 -4.45 -9.58
CA ILE A 150 -5.35 -4.49 -8.76
C ILE A 150 -4.97 -3.78 -7.50
N ASP A 151 -5.67 -2.69 -7.26
CA ASP A 151 -5.62 -1.97 -6.01
C ASP A 151 -6.44 -2.74 -4.96
N VAL A 152 -5.79 -3.00 -3.83
CA VAL A 152 -6.46 -3.73 -2.75
C VAL A 152 -6.53 -2.86 -1.49
N SER A 153 -6.40 -1.55 -1.64
CA SER A 153 -6.51 -0.67 -0.48
C SER A 153 -7.95 -0.26 -0.16
N LYS A 154 -8.15 0.40 0.98
CA LYS A 154 -9.50 0.84 1.45
C LYS A 154 -10.51 -0.26 1.77
N ILE A 155 -10.06 -1.50 1.89
CA ILE A 155 -10.90 -2.55 2.43
C ILE A 155 -11.05 -2.49 3.97
N LYS A 156 -12.28 -2.40 4.47
CA LYS A 156 -12.50 -2.10 5.91
C LYS A 156 -13.22 -3.20 6.72
N ALA A 157 -12.82 -3.34 7.98
CA ALA A 157 -13.56 -4.14 8.92
C ALA A 157 -13.81 -3.36 10.20
N VAL A 158 -15.06 -3.35 10.63
CA VAL A 158 -15.42 -2.70 11.87
C VAL A 158 -15.01 -3.57 13.05
N ILE A 159 -14.29 -2.97 14.00
CA ILE A 159 -13.91 -3.67 15.21
C ILE A 159 -14.70 -3.21 16.43
N GLU A 160 -15.16 -1.97 16.40
CA GLU A 160 -15.83 -1.37 17.54
C GLU A 160 -16.93 -0.40 17.09
N ARG A 161 -18.12 -0.55 17.67
CA ARG A 161 -19.20 0.44 17.53
C ARG A 161 -19.51 1.11 18.87
N VAL A 162 -19.86 2.39 18.85
CA VAL A 162 -20.25 3.10 20.05
C VAL A 162 -21.77 3.11 20.15
N LYS A 182 -19.31 -3.14 20.33
CA LYS A 182 -17.91 -3.54 20.37
C LYS A 182 -17.70 -4.86 19.60
N GLU A 183 -17.78 -4.78 18.28
CA GLU A 183 -17.85 -5.95 17.36
C GLU A 183 -16.83 -7.09 17.54
N THR A 184 -15.60 -6.93 17.06
CA THR A 184 -14.60 -8.03 17.10
C THR A 184 -13.22 -7.75 17.80
N ASP A 185 -12.17 -8.47 17.38
CA ASP A 185 -10.78 -8.07 17.63
C ASP A 185 -10.00 -8.06 16.30
N HIS A 186 -8.72 -7.70 16.38
CA HIS A 186 -7.89 -7.57 15.21
C HIS A 186 -7.79 -8.81 14.30
N ASP A 187 -7.46 -9.99 14.84
CA ASP A 187 -7.18 -11.14 13.97
C ASP A 187 -8.38 -11.57 13.14
N GLN A 188 -9.56 -11.43 13.72
CA GLN A 188 -10.80 -11.64 13.00
C GLN A 188 -11.02 -10.60 11.85
N ALA A 189 -10.62 -9.36 12.07
CA ALA A 189 -10.78 -8.31 11.09
C ALA A 189 -9.80 -8.50 9.90
N ILE A 190 -8.58 -8.89 10.24
CA ILE A 190 -7.54 -9.27 9.28
C ILE A 190 -8.01 -10.38 8.33
N ARG A 191 -8.58 -11.41 8.93
CA ARG A 191 -9.18 -12.50 8.19
C ARG A 191 -10.23 -12.05 7.16
N LYS A 192 -11.12 -11.13 7.58
CA LYS A 192 -12.18 -10.55 6.72
C LYS A 192 -11.63 -9.69 5.61
N ILE A 193 -10.69 -8.83 5.95
CA ILE A 193 -10.09 -7.93 4.99
C ILE A 193 -9.34 -8.70 3.91
N MET A 194 -8.54 -9.68 4.35
CA MET A 194 -7.77 -10.53 3.45
C MET A 194 -8.70 -11.37 2.53
N ASN A 195 -9.78 -11.94 3.06
CA ASN A 195 -10.73 -12.64 2.21
C ASN A 195 -11.29 -11.73 1.15
N GLN A 196 -11.64 -10.49 1.51
CA GLN A 196 -12.18 -9.55 0.55
C GLN A 196 -11.11 -9.18 -0.44
N ALA A 197 -9.84 -9.09 -0.01
CA ALA A 197 -8.79 -8.79 -0.96
C ALA A 197 -8.53 -9.96 -1.91
N TYR A 198 -8.63 -11.18 -1.39
CA TYR A 198 -8.38 -12.35 -2.22
C TYR A 198 -9.46 -12.44 -3.30
N HIS A 199 -10.72 -12.31 -2.90
CA HIS A 199 -11.86 -12.30 -3.80
C HIS A 199 -11.66 -11.23 -4.91
N LYS A 200 -11.44 -9.96 -4.53
CA LYS A 200 -11.16 -8.91 -5.51
C LYS A 200 -10.00 -9.21 -6.48
N VAL A 201 -8.88 -9.77 -6.00
CA VAL A 201 -7.76 -10.08 -6.92
C VAL A 201 -8.20 -11.13 -7.99
N MET A 202 -8.76 -12.23 -7.53
CA MET A 202 -9.15 -13.29 -8.43
C MET A 202 -10.17 -12.82 -9.47
N VAL A 203 -11.16 -12.01 -9.06
CA VAL A 203 -12.18 -11.48 -9.97
C VAL A 203 -11.57 -10.58 -11.03
N HIS A 204 -10.67 -9.69 -10.62
CA HIS A 204 -10.11 -8.75 -11.57
C HIS A 204 -9.17 -9.46 -12.52
N ILE A 205 -8.32 -10.36 -12.02
CA ILE A 205 -7.43 -11.07 -12.91
C ILE A 205 -8.17 -12.01 -13.84
N THR A 206 -9.17 -12.73 -13.34
CA THR A 206 -9.88 -13.67 -14.19
C THR A 206 -10.57 -12.91 -15.31
N LYS A 207 -11.12 -11.72 -15.01
CA LYS A 207 -11.73 -10.91 -16.06
C LYS A 207 -10.67 -10.30 -16.99
N GLU A 208 -9.48 -10.03 -16.46
CA GLU A 208 -8.44 -9.48 -17.33
C GLU A 208 -7.87 -10.50 -18.30
N LEU A 209 -7.86 -11.77 -17.92
CA LEU A 209 -7.24 -12.77 -18.75
C LEU A 209 -8.29 -13.52 -19.57
N SER A 210 -9.24 -12.79 -20.15
CA SER A 210 -10.28 -13.35 -21.02
C SER A 210 -9.71 -13.85 -22.34
N LYS A 211 -10.55 -14.63 -23.02
CA LYS A 211 -10.29 -15.16 -24.37
C LYS A 211 -10.04 -13.97 -25.31
N LYS A 212 -10.90 -12.97 -25.30
CA LYS A 212 -10.67 -11.81 -26.18
C LYS A 212 -9.29 -11.14 -25.95
N HIS A 213 -8.91 -10.96 -24.68
CA HIS A 213 -7.64 -10.34 -24.36
C HIS A 213 -6.45 -11.20 -24.73
N MET A 214 -6.47 -12.49 -24.40
CA MET A 214 -5.30 -13.34 -24.73
C MET A 214 -5.07 -13.48 -26.26
N GLU A 215 -6.16 -13.64 -27.03
CA GLU A 215 -6.08 -13.77 -28.50
C GLU A 215 -5.53 -12.47 -29.04
N HIS A 216 -6.00 -11.35 -28.46
CA HIS A 216 -5.48 -10.05 -28.85
C HIS A 216 -3.97 -9.97 -28.58
N TYR A 217 -3.57 -10.34 -27.35
CA TYR A 217 -2.17 -10.39 -26.95
C TYR A 217 -1.38 -11.27 -27.88
N GLU A 218 -1.94 -12.43 -28.26
CA GLU A 218 -1.30 -13.37 -29.21
C GLU A 218 -1.03 -12.67 -30.55
N LYS A 219 -2.06 -12.02 -31.09
CA LYS A 219 -1.93 -11.23 -32.30
C LYS A 219 -0.86 -10.13 -32.15
N VAL A 220 -0.86 -9.43 -31.02
CA VAL A 220 0.09 -8.34 -30.80
C VAL A 220 1.56 -8.78 -30.80
N SER A 221 1.89 -9.87 -30.11
CA SER A 221 3.26 -10.43 -30.24
C SER A 221 3.59 -10.86 -31.68
N SER A 222 2.67 -11.56 -32.34
CA SER A 222 2.81 -11.99 -33.75
C SER A 222 3.45 -10.93 -34.63
N GLU A 223 2.97 -9.69 -34.49
CA GLU A 223 3.48 -8.55 -35.25
C GLU A 223 4.82 -8.07 -34.69
N MET A 224 4.83 -7.64 -33.42
CA MET A 224 6.05 -7.44 -32.63
C MET A 224 7.05 -8.58 -32.89
N LEU B 21 18.43 12.82 -1.05
CA LEU B 21 17.39 12.72 0.02
C LEU B 21 17.05 14.09 0.58
N HIS B 22 15.77 14.45 0.53
CA HIS B 22 15.30 15.76 0.98
C HIS B 22 14.07 15.70 1.91
N PHE B 23 14.20 14.97 3.04
CA PHE B 23 13.12 14.90 4.01
C PHE B 23 13.07 16.15 4.88
N HIS B 24 12.82 17.28 4.21
CA HIS B 24 12.65 18.58 4.84
C HIS B 24 11.57 19.29 4.07
N TYR B 25 10.62 19.84 4.82
CA TYR B 25 9.60 20.71 4.30
C TYR B 25 9.68 22.01 5.09
N PRO B 26 9.90 23.16 4.41
CA PRO B 26 10.16 24.39 5.16
C PRO B 26 8.91 24.83 5.89
N ILE B 27 9.06 25.31 7.12
CA ILE B 27 7.89 25.85 7.81
C ILE B 27 7.87 27.38 7.77
N LYS B 28 6.86 27.91 7.09
CA LYS B 28 6.65 29.36 6.98
C LYS B 28 5.37 29.85 7.69
N GLY B 29 5.33 29.71 9.00
CA GLY B 29 4.38 30.45 9.83
C GLY B 29 5.17 31.57 10.49
N LYS B 30 4.50 32.49 11.16
CA LYS B 30 5.21 33.38 12.06
C LYS B 30 5.23 32.64 13.39
N GLN B 31 6.15 33.03 14.27
CA GLN B 31 6.11 32.59 15.66
C GLN B 31 4.83 33.13 16.33
N GLU B 32 3.90 32.22 16.62
CA GLU B 32 2.68 32.51 17.38
C GLU B 32 3.03 32.54 18.86
N PRO B 33 2.20 33.18 19.70
CA PRO B 33 2.60 33.23 21.10
C PRO B 33 2.02 32.06 21.90
N LYS B 34 2.72 31.69 22.99
CA LYS B 34 2.31 30.58 23.86
C LYS B 34 0.80 30.58 24.09
N ASN B 35 0.14 29.48 23.75
CA ASN B 35 -1.30 29.36 23.99
C ASN B 35 -1.59 28.48 25.20
N SER B 36 -0.50 27.97 25.79
CA SER B 36 -0.55 27.19 27.02
C SER B 36 -1.33 25.88 26.90
N HIS B 37 -1.58 25.45 25.66
CA HIS B 37 -2.05 24.09 25.39
C HIS B 37 -0.81 23.25 25.04
N LEU B 38 -0.62 22.14 25.76
CA LEU B 38 0.51 21.24 25.50
C LEU B 38 0.08 19.94 24.77
N VAL B 39 0.76 19.64 23.67
CA VAL B 39 0.48 18.41 22.89
C VAL B 39 1.60 17.39 22.99
N VAL B 40 1.19 16.14 23.16
CA VAL B 40 2.09 14.99 23.20
C VAL B 40 2.25 14.39 21.80
N LEU B 41 3.50 14.36 21.35
CA LEU B 41 3.82 13.92 20.01
C LEU B 41 4.60 12.63 20.05
N ILE B 42 3.97 11.54 19.65
CA ILE B 42 4.61 10.21 19.64
C ILE B 42 5.34 9.92 18.31
N GLU B 43 6.53 9.34 18.40
CA GLU B 43 7.29 8.97 17.19
C GLU B 43 6.44 8.19 16.18
N PRO B 44 6.46 8.64 14.91
CA PRO B 44 5.57 7.95 13.98
C PRO B 44 6.13 6.58 13.66
N LYS B 45 5.26 5.58 13.57
CA LYS B 45 5.64 4.23 13.21
C LYS B 45 5.24 3.94 11.76
N ILE B 46 6.16 4.16 10.81
CA ILE B 46 5.90 3.95 9.38
C ILE B 46 6.59 2.70 8.83
N GLU B 47 5.80 1.67 8.53
CA GLU B 47 6.37 0.48 7.96
C GLU B 47 6.78 0.74 6.52
N ILE B 48 7.79 0.01 6.08
CA ILE B 48 8.31 -0.04 4.73
C ILE B 48 8.35 -1.51 4.26
N ASN B 49 8.34 -1.72 2.95
CA ASN B 49 8.52 -3.04 2.35
C ASN B 49 10.00 -3.23 1.99
N LYS B 50 10.37 -4.47 1.63
CA LYS B 50 11.76 -4.90 1.68
C LYS B 50 12.69 -4.13 0.74
N VAL B 51 12.16 -3.57 -0.33
CA VAL B 51 12.97 -2.89 -1.32
C VAL B 51 13.41 -1.50 -0.85
N ILE B 52 12.78 -0.98 0.20
CA ILE B 52 13.19 0.32 0.74
C ILE B 52 14.25 0.12 1.82
N PRO B 53 15.42 0.78 1.69
CA PRO B 53 16.50 0.64 2.67
C PRO B 53 16.05 1.06 4.07
N GLU B 54 16.45 0.31 5.09
CA GLU B 54 16.08 0.63 6.45
C GLU B 54 16.43 2.06 6.85
N SER B 55 17.56 2.59 6.36
CA SER B 55 17.98 3.91 6.80
C SER B 55 17.00 5.00 6.38
N TYR B 56 16.30 4.77 5.26
CA TYR B 56 15.27 5.71 4.78
C TYR B 56 14.05 5.76 5.69
N GLN B 57 13.64 4.59 6.17
CA GLN B 57 12.56 4.52 7.14
C GLN B 57 12.88 5.39 8.34
N LYS B 58 14.02 5.16 8.99
CA LYS B 58 14.44 5.99 10.15
C LYS B 58 14.62 7.47 9.80
N GLU B 59 15.27 7.78 8.68
CA GLU B 59 15.35 9.17 8.23
C GLU B 59 13.94 9.82 8.16
N PHE B 60 12.98 9.11 7.60
CA PHE B 60 11.63 9.60 7.30
C PHE B 60 10.85 9.84 8.60
N GLU B 61 10.86 8.82 9.46
CA GLU B 61 10.21 8.90 10.76
C GLU B 61 10.84 9.97 11.67
N LYS B 62 12.17 10.19 11.55
CA LYS B 62 12.91 11.14 12.41
C LYS B 62 12.64 12.56 11.94
N SER B 63 12.45 12.73 10.63
CA SER B 63 12.16 14.04 10.08
C SER B 63 10.74 14.51 10.40
N LEU B 64 9.75 13.64 10.21
CA LEU B 64 8.37 13.93 10.58
C LEU B 64 8.27 14.21 12.09
N PHE B 65 9.07 13.51 12.87
CA PHE B 65 9.03 13.67 14.32
C PHE B 65 9.50 15.06 14.76
N LEU B 66 10.62 15.52 14.22
CA LEU B 66 11.14 16.84 14.57
C LEU B 66 10.41 17.98 13.86
N GLN B 67 10.01 17.77 12.61
CA GLN B 67 9.39 18.84 11.84
C GLN B 67 8.02 19.20 12.34
N LEU B 68 7.28 18.22 12.85
CA LEU B 68 5.98 18.51 13.45
C LEU B 68 6.14 19.19 14.80
N SER B 69 7.23 18.88 15.51
CA SER B 69 7.59 19.53 16.77
C SER B 69 7.83 21.01 16.55
N SER B 70 8.74 21.35 15.65
CA SER B 70 8.98 22.74 15.30
C SER B 70 7.69 23.45 14.99
N PHE B 71 6.98 22.95 13.98
CA PHE B 71 5.65 23.44 13.56
C PHE B 71 4.67 23.67 14.71
N LEU B 72 4.74 22.85 15.76
CA LEU B 72 3.77 23.01 16.83
C LEU B 72 4.29 24.04 17.81
N GLU B 73 5.61 24.15 17.93
CA GLU B 73 6.20 25.14 18.77
C GLU B 73 5.94 26.51 18.13
N ARG B 74 6.30 26.63 16.85
CA ARG B 74 5.97 27.77 16.02
C ARG B 74 4.53 28.26 16.06
N LYS B 75 3.57 27.39 16.40
CA LYS B 75 2.15 27.78 16.43
C LYS B 75 1.61 28.06 17.86
N GLY B 76 2.53 28.11 18.81
CA GLY B 76 2.21 28.45 20.20
C GLY B 76 2.10 27.31 21.20
N TYR B 77 2.08 26.09 20.69
CA TYR B 77 1.97 24.91 21.53
C TYR B 77 3.30 24.61 22.18
N SER B 78 3.29 24.00 23.36
CA SER B 78 4.50 23.37 23.86
C SER B 78 4.42 21.86 23.59
N VAL B 79 5.58 21.23 23.37
CA VAL B 79 5.66 19.83 22.92
C VAL B 79 6.46 18.90 23.84
N SER B 80 5.79 17.88 24.37
CA SER B 80 6.47 16.76 25.01
C SER B 80 6.66 15.69 23.95
N GLN B 81 7.92 15.40 23.59
CA GLN B 81 8.23 14.23 22.78
C GLN B 81 8.32 12.96 23.64
N PHE B 82 7.78 11.88 23.10
CA PHE B 82 8.03 10.56 23.66
C PHE B 82 8.31 9.67 22.47
N LYS B 83 8.72 8.43 22.72
CA LYS B 83 8.91 7.51 21.61
C LYS B 83 7.93 6.35 21.63
N ASP B 84 7.13 6.25 22.69
CA ASP B 84 6.08 5.23 22.84
C ASP B 84 4.99 5.70 23.78
N ALA B 85 3.74 5.33 23.47
CA ALA B 85 2.60 5.65 24.36
C ALA B 85 2.76 5.03 25.76
N SER B 86 3.77 4.18 25.91
CA SER B 86 4.14 3.57 27.18
C SER B 86 4.74 4.60 28.14
N GLU B 87 5.84 5.23 27.71
CA GLU B 87 6.58 6.25 28.49
C GLU B 87 5.64 7.20 29.29
N ILE B 88 5.02 8.15 28.58
CA ILE B 88 3.99 9.07 29.12
C ILE B 88 3.68 8.90 30.61
N PRO B 89 4.29 9.74 31.46
CA PRO B 89 3.93 9.78 32.88
C PRO B 89 2.50 10.26 33.09
N GLN B 90 1.82 9.73 34.11
CA GLN B 90 0.48 10.20 34.48
C GLN B 90 0.50 11.73 34.75
N ASP B 91 1.72 12.24 34.88
CA ASP B 91 2.02 13.64 35.07
C ASP B 91 1.60 14.46 33.84
N ILE B 92 2.26 14.14 32.73
CA ILE B 92 2.02 14.77 31.44
C ILE B 92 0.60 14.47 30.95
N LYS B 93 0.11 13.27 31.27
CA LYS B 93 -1.26 12.89 30.96
C LYS B 93 -2.24 13.89 31.52
N GLU B 94 -2.20 14.12 32.83
CA GLU B 94 -3.17 15.00 33.50
C GLU B 94 -3.26 16.41 32.88
N LYS B 95 -2.17 16.87 32.26
CA LYS B 95 -2.09 18.24 31.71
C LYS B 95 -2.38 18.40 30.21
N ALA B 96 -1.84 17.52 29.38
CA ALA B 96 -1.86 17.67 27.92
C ALA B 96 -3.25 17.71 27.30
N LEU B 97 -3.36 18.51 26.25
CA LEU B 97 -4.60 18.66 25.51
C LEU B 97 -4.93 17.38 24.73
N LEU B 98 -3.92 16.84 24.06
CA LEU B 98 -4.08 15.65 23.23
C LEU B 98 -2.75 14.97 22.96
N VAL B 99 -2.84 13.73 22.49
CA VAL B 99 -1.67 13.00 22.02
C VAL B 99 -1.84 12.85 20.52
N LEU B 100 -0.75 13.05 19.79
CA LEU B 100 -0.69 12.81 18.35
C LEU B 100 0.19 11.59 18.02
N ARG B 101 -0.48 10.51 17.60
CA ARG B 101 0.16 9.24 17.19
C ARG B 101 -0.01 8.98 15.69
N MET B 102 1.08 8.83 14.98
CA MET B 102 1.01 8.49 13.56
C MET B 102 1.51 7.08 13.30
N ASP B 103 0.70 6.29 12.60
CA ASP B 103 1.06 4.94 12.18
C ASP B 103 0.68 4.71 10.73
N GLY B 104 1.44 3.85 10.04
CA GLY B 104 1.06 3.41 8.72
C GLY B 104 2.21 2.77 7.98
N ASN B 105 2.11 2.73 6.65
CA ASN B 105 3.18 2.22 5.83
C ASN B 105 3.30 2.86 4.47
N VAL B 106 4.49 2.71 3.88
CA VAL B 106 4.78 3.10 2.51
C VAL B 106 5.43 1.89 1.90
N ALA B 107 5.03 1.48 0.71
CA ALA B 107 5.70 0.43 -0.01
C ALA B 107 6.03 0.84 -1.42
N ILE B 108 7.09 0.29 -2.00
CA ILE B 108 7.41 0.65 -3.39
C ILE B 108 7.37 -0.60 -4.26
N LEU B 109 6.66 -0.52 -5.38
CA LEU B 109 6.53 -1.64 -6.29
C LEU B 109 7.40 -1.28 -7.46
N GLU B 110 8.10 -2.26 -8.01
CA GLU B 110 9.06 -1.99 -9.06
C GLU B 110 8.64 -2.55 -10.40
N ASP B 111 9.13 -1.91 -11.47
CA ASP B 111 9.05 -2.42 -12.86
C ASP B 111 7.62 -2.57 -13.36
N ILE B 112 6.90 -1.45 -13.43
CA ILE B 112 5.55 -1.42 -13.94
C ILE B 112 5.67 -0.78 -15.31
N VAL B 113 5.04 -1.37 -16.31
CA VAL B 113 5.07 -0.77 -17.62
C VAL B 113 3.80 0.03 -17.86
N GLU B 114 4.00 1.22 -18.44
CA GLU B 114 2.94 2.02 -19.00
C GLU B 114 3.23 2.10 -20.48
N GLU B 115 2.28 1.65 -21.27
CA GLU B 115 2.47 1.54 -22.67
C GLU B 115 2.33 2.89 -23.35
N SER B 116 2.88 3.00 -24.54
CA SER B 116 2.89 4.24 -25.27
C SER B 116 1.52 4.52 -25.85
N ASP B 117 1.21 5.79 -26.08
CA ASP B 117 0.01 6.14 -26.82
C ASP B 117 0.46 7.25 -27.77
N ALA B 118 -0.46 7.99 -28.37
CA ALA B 118 -0.09 9.01 -29.36
C ALA B 118 0.81 10.14 -28.80
N LEU B 119 0.64 10.49 -27.53
CA LEU B 119 1.38 11.59 -26.95
C LEU B 119 2.56 11.11 -26.12
N SER B 120 2.43 9.96 -25.48
CA SER B 120 3.43 9.54 -24.49
C SER B 120 4.27 8.40 -24.95
N GLU B 121 5.51 8.37 -24.47
CA GLU B 121 6.40 7.22 -24.69
C GLU B 121 6.09 6.09 -23.70
N GLU B 122 6.36 4.84 -24.10
CA GLU B 122 6.41 3.70 -23.21
C GLU B 122 7.44 3.91 -22.09
N LYS B 123 7.07 3.55 -20.86
CA LYS B 123 7.86 3.81 -19.67
C LYS B 123 7.80 2.64 -18.72
N VAL B 124 8.93 2.38 -18.05
CA VAL B 124 8.98 1.50 -16.90
C VAL B 124 9.09 2.42 -15.67
N ILE B 125 8.27 2.16 -14.64
CA ILE B 125 8.20 3.03 -13.47
C ILE B 125 8.27 2.22 -12.19
N ASP B 126 8.63 2.91 -11.10
CA ASP B 126 8.32 2.45 -9.75
C ASP B 126 7.08 3.23 -9.27
N MET B 127 6.37 2.68 -8.29
CA MET B 127 5.13 3.32 -7.82
C MET B 127 4.90 2.88 -6.39
N SER B 128 4.37 3.79 -5.56
CA SER B 128 4.06 3.56 -4.16
C SER B 128 2.69 2.98 -3.95
N SER B 129 2.54 2.30 -2.83
CA SER B 129 1.23 2.11 -2.27
C SER B 129 1.41 2.56 -0.84
N GLY B 130 0.36 2.54 -0.07
CA GLY B 130 0.51 2.85 1.35
C GLY B 130 -0.38 3.98 1.86
N TYR B 131 -0.32 4.18 3.17
CA TYR B 131 -1.27 5.02 3.85
C TYR B 131 -0.70 5.39 5.17
N LEU B 132 -1.00 6.60 5.58
CA LEU B 132 -0.59 7.08 6.90
C LEU B 132 -1.79 7.59 7.63
N ASN B 133 -1.95 7.10 8.85
CA ASN B 133 -2.98 7.58 9.75
C ASN B 133 -2.45 8.35 10.97
N LEU B 134 -3.08 9.48 11.28
CA LEU B 134 -2.68 10.26 12.44
C LEU B 134 -3.84 10.29 13.42
N ASN B 135 -3.71 9.64 14.58
CA ASN B 135 -4.73 9.69 15.61
C ASN B 135 -4.63 10.83 16.63
N PHE B 136 -5.80 11.36 16.95
CA PHE B 136 -5.97 12.41 17.92
C PHE B 136 -6.52 11.69 19.13
N VAL B 137 -5.66 11.57 20.13
CA VAL B 137 -5.99 10.80 21.34
C VAL B 137 -6.08 11.70 22.59
N GLU B 138 -7.15 11.53 23.36
CA GLU B 138 -7.26 12.15 24.70
C GLU B 138 -6.33 11.43 25.71
N PRO B 139 -5.49 12.19 26.42
CA PRO B 139 -4.44 11.59 27.25
C PRO B 139 -4.87 10.58 28.33
N LYS B 140 -6.06 10.74 28.92
CA LYS B 140 -6.50 9.87 30.03
C LYS B 140 -7.19 8.54 29.63
N SER B 141 -8.40 8.60 29.06
CA SER B 141 -9.12 7.36 28.70
C SER B 141 -8.41 6.65 27.56
N GLU B 142 -7.48 7.36 26.93
CA GLU B 142 -6.74 6.90 25.74
C GLU B 142 -7.63 6.65 24.50
N ASP B 143 -8.87 7.16 24.54
CA ASP B 143 -9.79 7.15 23.40
C ASP B 143 -9.29 7.97 22.21
N ILE B 144 -9.49 7.44 21.01
CA ILE B 144 -9.22 8.19 19.79
C ILE B 144 -10.47 8.99 19.53
N ILE B 145 -10.29 10.28 19.34
CA ILE B 145 -11.44 11.17 19.16
C ILE B 145 -11.59 11.45 17.68
N HIS B 146 -10.49 11.29 16.95
CA HIS B 146 -10.45 11.60 15.55
C HIS B 146 -9.24 10.96 14.86
N SER B 147 -9.43 10.60 13.58
CA SER B 147 -8.38 10.09 12.73
C SER B 147 -8.26 10.87 11.41
N PHE B 148 -7.02 11.20 11.06
CA PHE B 148 -6.75 11.90 9.82
C PHE B 148 -5.78 11.07 8.99
N GLY B 149 -6.18 10.75 7.78
CA GLY B 149 -5.40 9.89 6.90
C GLY B 149 -4.83 10.63 5.72
N ILE B 150 -3.59 10.30 5.37
CA ILE B 150 -3.01 10.73 4.13
C ILE B 150 -2.73 9.50 3.28
N ASP B 151 -3.28 9.47 2.09
CA ASP B 151 -3.02 8.41 1.10
C ASP B 151 -1.69 8.76 0.45
N VAL B 152 -0.74 7.82 0.50
CA VAL B 152 0.56 8.08 -0.11
C VAL B 152 0.82 7.14 -1.27
N SER B 153 -0.24 6.66 -1.92
CA SER B 153 -0.05 5.71 -3.02
C SER B 153 -0.09 6.35 -4.40
N LYS B 154 0.38 5.64 -5.41
CA LYS B 154 0.36 6.17 -6.79
C LYS B 154 1.36 7.30 -7.08
N ILE B 155 2.30 7.53 -6.16
CA ILE B 155 3.42 8.36 -6.50
C ILE B 155 4.37 7.51 -7.36
N LYS B 156 4.67 8.02 -8.55
CA LYS B 156 5.44 7.32 -9.61
C LYS B 156 6.82 7.89 -9.86
N ALA B 157 7.77 7.04 -10.24
CA ALA B 157 9.07 7.55 -10.72
C ALA B 157 9.45 6.78 -11.99
N VAL B 158 9.90 7.48 -13.02
CA VAL B 158 10.20 6.84 -14.30
C VAL B 158 11.64 6.35 -14.28
N ILE B 159 11.86 5.06 -14.55
CA ILE B 159 13.24 4.61 -14.65
C ILE B 159 13.76 4.37 -16.03
N GLU B 160 12.89 3.93 -16.95
CA GLU B 160 13.23 3.80 -18.36
C GLU B 160 12.14 4.42 -19.22
N ARG B 161 12.56 4.96 -20.36
CA ARG B 161 11.64 5.41 -21.38
C ARG B 161 12.10 4.86 -22.74
N VAL B 162 11.18 4.73 -23.69
CA VAL B 162 11.50 4.30 -25.05
C VAL B 162 11.24 5.47 -25.99
N GLU B 163 12.30 6.00 -26.60
CA GLU B 163 12.20 7.23 -27.43
C GLU B 163 11.97 6.99 -28.90
N HIS B 179 15.04 3.50 -29.38
CA HIS B 179 16.09 3.44 -28.35
C HIS B 179 15.53 3.48 -26.92
N ARG B 180 15.75 2.40 -26.16
CA ARG B 180 15.41 2.50 -24.75
C ARG B 180 16.49 3.26 -23.93
N ILE B 181 16.04 4.12 -23.03
CA ILE B 181 16.91 5.01 -22.28
C ILE B 181 16.65 4.88 -20.78
N LYS B 182 17.71 4.72 -20.02
CA LYS B 182 17.59 4.59 -18.59
C LYS B 182 17.64 6.01 -18.02
N GLU B 183 16.74 6.35 -17.11
CA GLU B 183 16.70 7.71 -16.54
C GLU B 183 17.37 7.76 -15.17
N THR B 184 17.02 6.81 -14.31
CA THR B 184 17.63 6.69 -12.99
C THR B 184 17.86 5.20 -12.72
N ASP B 185 18.54 4.86 -11.66
CA ASP B 185 18.57 3.49 -11.16
C ASP B 185 17.45 3.36 -10.15
N HIS B 186 17.29 2.17 -9.60
CA HIS B 186 16.18 1.91 -8.70
C HIS B 186 16.25 2.73 -7.43
N ASP B 187 17.43 2.85 -6.84
CA ASP B 187 17.58 3.50 -5.55
C ASP B 187 17.14 4.94 -5.66
N GLN B 188 17.44 5.53 -6.80
CA GLN B 188 17.12 6.91 -7.01
C GLN B 188 15.62 7.08 -7.20
N ALA B 189 14.93 6.10 -7.76
CA ALA B 189 13.44 6.14 -7.85
C ALA B 189 12.80 6.09 -6.47
N ILE B 190 13.25 5.12 -5.68
CA ILE B 190 12.89 5.00 -4.26
C ILE B 190 12.96 6.36 -3.54
N ARG B 191 14.04 7.08 -3.77
CA ARG B 191 14.27 8.40 -3.21
C ARG B 191 13.35 9.49 -3.77
N LYS B 192 13.19 9.57 -5.09
CA LYS B 192 12.26 10.49 -5.73
C LYS B 192 10.90 10.27 -5.05
N ILE B 193 10.47 9.02 -4.91
CA ILE B 193 9.15 8.68 -4.39
C ILE B 193 9.00 8.98 -2.90
N MET B 194 9.99 8.67 -2.08
CA MET B 194 9.92 9.01 -0.66
C MET B 194 9.83 10.52 -0.41
N ASN B 195 10.58 11.32 -1.17
CA ASN B 195 10.55 12.79 -1.02
C ASN B 195 9.15 13.35 -1.27
N GLN B 196 8.52 12.92 -2.36
CA GLN B 196 7.16 13.35 -2.70
C GLN B 196 6.21 12.95 -1.61
N ALA B 197 6.41 11.75 -1.09
CA ALA B 197 5.58 11.19 -0.05
C ALA B 197 5.73 11.99 1.25
N TYR B 198 6.96 12.14 1.75
CA TYR B 198 7.27 13.04 2.86
C TYR B 198 6.58 14.41 2.73
N HIS B 199 6.90 15.12 1.64
CA HIS B 199 6.33 16.38 1.30
C HIS B 199 4.82 16.37 1.47
N LYS B 200 4.12 15.48 0.77
CA LYS B 200 2.68 15.45 0.76
C LYS B 200 2.13 15.23 2.16
N VAL B 201 2.80 14.36 2.91
CA VAL B 201 2.42 14.09 4.28
C VAL B 201 2.50 15.39 5.11
N MET B 202 3.63 16.09 5.00
CA MET B 202 3.86 17.29 5.78
C MET B 202 2.92 18.40 5.35
N VAL B 203 2.62 18.50 4.06
CA VAL B 203 1.63 19.45 3.56
C VAL B 203 0.25 19.13 4.10
N HIS B 204 -0.21 17.88 4.03
CA HIS B 204 -1.57 17.54 4.51
C HIS B 204 -1.69 17.75 6.02
N ILE B 205 -0.72 17.27 6.77
CA ILE B 205 -0.76 17.31 8.22
C ILE B 205 -0.71 18.74 8.73
N THR B 206 0.28 19.54 8.28
CA THR B 206 0.36 20.92 8.75
C THR B 206 -0.94 21.67 8.46
N LYS B 207 -1.64 21.28 7.40
CA LYS B 207 -2.87 21.96 7.01
C LYS B 207 -4.04 21.56 7.90
N GLU B 208 -4.11 20.30 8.29
CA GLU B 208 -5.15 19.87 9.24
C GLU B 208 -5.03 20.45 10.64
N LEU B 209 -3.79 20.67 11.07
CA LEU B 209 -3.52 21.22 12.40
C LEU B 209 -3.53 22.76 12.39
N SER B 210 -4.55 23.35 11.80
CA SER B 210 -4.68 24.80 11.77
C SER B 210 -5.17 25.31 13.13
N LYS B 211 -5.15 26.63 13.32
CA LYS B 211 -5.73 27.24 14.53
C LYS B 211 -7.24 27.01 14.62
N LYS B 212 -7.94 27.27 13.51
CA LYS B 212 -9.37 27.05 13.47
C LYS B 212 -9.77 25.60 13.84
N HIS B 213 -9.01 24.62 13.37
CA HIS B 213 -9.27 23.23 13.69
C HIS B 213 -8.92 22.89 15.13
N MET B 214 -7.75 23.36 15.57
CA MET B 214 -7.32 23.05 16.92
C MET B 214 -8.21 23.68 17.98
N GLU B 215 -8.58 24.95 17.77
CA GLU B 215 -9.44 25.62 18.73
C GLU B 215 -10.81 24.94 18.81
N HIS B 216 -11.33 24.50 17.66
CA HIS B 216 -12.55 23.71 17.62
C HIS B 216 -12.38 22.39 18.39
N TYR B 217 -11.20 21.77 18.22
CA TYR B 217 -10.91 20.52 18.92
C TYR B 217 -11.01 20.70 20.43
N GLU B 218 -10.39 21.77 20.92
CA GLU B 218 -10.33 22.12 22.33
C GLU B 218 -11.73 22.17 22.95
N LYS B 219 -12.64 22.87 22.25
CA LYS B 219 -14.01 23.12 22.72
C LYS B 219 -14.90 21.88 22.73
N VAL B 220 -14.80 21.06 21.69
CA VAL B 220 -15.51 19.79 21.65
C VAL B 220 -15.06 18.94 22.84
N SER B 221 -13.78 19.03 23.20
CA SER B 221 -13.22 18.47 24.43
C SER B 221 -13.47 19.43 25.59
S SO4 C . -13.66 -15.88 -21.50
O1 SO4 C . -15.04 -15.68 -21.06
O2 SO4 C . -13.33 -14.79 -22.42
O3 SO4 C . -12.81 -15.93 -20.32
O4 SO4 C . -13.47 -17.17 -22.18
S SO4 D . -12.19 -5.20 -23.81
O1 SO4 D . -13.18 -6.24 -23.63
O2 SO4 D . -11.37 -5.40 -25.02
O3 SO4 D . -12.88 -3.92 -23.91
O4 SO4 D . -11.33 -5.11 -22.63
S SO4 E . -23.42 0.66 9.60
O1 SO4 E . -24.35 0.01 8.67
O2 SO4 E . -23.20 2.06 9.22
O3 SO4 E . -24.00 0.61 10.94
O4 SO4 E . -22.17 -0.08 9.63
S SO4 F . -3.06 28.23 11.09
O1 SO4 F . -4.45 28.24 11.54
O2 SO4 F . -2.99 29.00 9.86
O3 SO4 F . -2.17 28.81 12.10
O4 SO4 F . -2.58 26.87 10.83
S SO4 G . -5.69 13.54 -2.04
O1 SO4 G . -6.92 13.28 -2.78
O2 SO4 G . -4.77 14.31 -2.89
O3 SO4 G . -5.99 14.32 -0.84
O4 SO4 G . -5.06 12.27 -1.67
#